data_4H0E
#
_entry.id   4H0E
#
_cell.length_a   137.800
_cell.length_b   42.620
_cell.length_c   67.440
_cell.angle_alpha   90.00
_cell.angle_beta   114.92
_cell.angle_gamma   90.00
#
_symmetry.space_group_name_H-M   'C 1 2 1'
#
loop_
_entity.id
_entity.type
_entity.pdbx_description
1 polymer 'Arabinose metabolism transcriptional repressor'
2 polymer "5'-D(*AP*AP*AP*TP*TP*TP*GP*TP*CP*CP*GP*TP*AP*CP*AP*TP*TP*TP*TP*AP*T)-3'"
3 polymer "5'-D(*TP*AP*TP*AP*AP*AP*AP*TP*GP*TP*AP*CP*GP*GP*AP*CP*AP*AP*AP*TP*T)-3'"
4 non-polymer 'ACETATE ION'
5 non-polymer 'CALCIUM ION'
6 water water
#
loop_
_entity_poly.entity_id
_entity_poly.type
_entity_poly.pdbx_seq_one_letter_code
_entity_poly.pdbx_strand_id
1 'polypeptide(L)'
;MHHHHHHLEVLFQGPLGSEFMLPKYAQVKEEISSWINQGKILPDQKIPTENELMQQFGVSRHTIRKAIGDLVSQGLLYSV
QGGGTFVA
;
A,B
2 'polydeoxyribonucleotide'
;(DA)(DA)(DA)(DT)(DT)(DT)(DG)(DT)(DC)(DC)(DG)(DT)(DA)(DC)(DA)(DT)(DT)(DT)(DT)(DA)
(DT)
;
U
3 'polydeoxyribonucleotide'
;(DT)(DA)(DT)(DA)(DA)(DA)(DA)(DT)(DG)(DT)(DA)(DC)(DG)(DG)(DA)(DC)(DA)(DA)(DA)(DT)
(DT)
;
T
#
# COMPACT_ATOMS: atom_id res chain seq x y z
N GLU A 19 14.47 20.53 2.70
CA GLU A 19 15.59 20.42 1.75
C GLU A 19 15.05 20.28 0.33
N PHE A 20 15.93 19.92 -0.60
CA PHE A 20 15.52 19.53 -1.94
C PHE A 20 15.35 18.01 -2.01
N MET A 21 15.77 17.33 -0.96
CA MET A 21 15.77 15.88 -0.94
C MET A 21 14.36 15.26 -0.96
N LEU A 22 14.21 14.19 -1.73
CA LEU A 22 12.99 13.41 -1.77
C LEU A 22 13.39 11.94 -1.76
N PRO A 23 12.58 11.10 -1.09
CA PRO A 23 12.99 9.69 -1.13
C PRO A 23 12.86 9.16 -2.54
N LYS A 24 13.56 8.07 -2.84
CA LYS A 24 13.61 7.52 -4.19
C LYS A 24 12.23 7.19 -4.76
N TYR A 25 11.36 6.58 -3.95
CA TYR A 25 10.03 6.23 -4.43
C TYR A 25 9.27 7.50 -4.85
N ALA A 26 9.53 8.61 -4.15
CA ALA A 26 8.88 9.87 -4.49
C ALA A 26 9.40 10.48 -5.79
N GLN A 27 10.70 10.35 -6.04
CA GLN A 27 11.25 10.81 -7.32
C GLN A 27 10.72 9.96 -8.46
N VAL A 28 10.60 8.65 -8.22
CA VAL A 28 10.05 7.80 -9.24
C VAL A 28 8.61 8.22 -9.52
N LYS A 29 7.85 8.47 -8.45
CA LYS A 29 6.47 8.93 -8.60
C LYS A 29 6.39 10.20 -9.42
N GLU A 30 7.27 11.15 -9.12
CA GLU A 30 7.30 12.43 -9.83
C GLU A 30 7.53 12.21 -11.31
N GLU A 31 8.53 11.40 -11.65
CA GLU A 31 8.84 11.17 -13.06
C GLU A 31 7.70 10.46 -13.81
N ILE A 32 7.11 9.41 -13.23
CA ILE A 32 6.00 8.75 -13.91
C ILE A 32 4.80 9.69 -14.09
N SER A 33 4.50 10.43 -13.03
CA SER A 33 3.42 11.38 -13.08
C SER A 33 3.72 12.37 -14.20
N SER A 34 4.97 12.78 -14.30
CA SER A 34 5.38 13.76 -15.31
C SER A 34 5.07 13.21 -16.69
N TRP A 35 5.49 11.96 -16.95
CA TRP A 35 5.17 11.31 -18.22
C TRP A 35 3.68 11.42 -18.54
N ILE A 36 2.84 11.17 -17.54
CA ILE A 36 1.40 11.21 -17.78
C ILE A 36 0.83 12.62 -17.98
N ASN A 37 1.38 13.59 -17.25
CA ASN A 37 0.93 14.97 -17.31
C ASN A 37 1.28 15.63 -18.65
N GLN A 38 2.38 15.18 -19.25
CA GLN A 38 2.85 15.74 -20.52
C GLN A 38 2.27 14.98 -21.69
N GLY A 39 1.37 14.06 -21.38
CA GLY A 39 0.70 13.27 -22.40
C GLY A 39 1.61 12.35 -23.19
N LYS A 40 2.77 12.01 -22.63
CA LYS A 40 3.68 11.07 -23.27
C LYS A 40 3.09 9.66 -23.29
N ILE A 41 2.17 9.41 -22.36
CA ILE A 41 1.36 8.20 -22.41
C ILE A 41 -0.11 8.49 -22.08
N LEU A 42 -0.99 8.09 -23.00
CA LEU A 42 -2.42 8.37 -22.91
C LEU A 42 -3.16 7.29 -22.12
N PRO A 43 -4.38 7.60 -21.67
CA PRO A 43 -5.21 6.67 -20.89
C PRO A 43 -5.31 5.30 -21.57
N ASP A 44 -5.21 4.25 -20.77
CA ASP A 44 -5.27 2.87 -21.26
C ASP A 44 -4.03 2.47 -22.05
N GLN A 45 -3.05 3.33 -22.12
CA GLN A 45 -1.72 2.94 -22.56
C GLN A 45 -0.85 2.44 -21.41
N LYS A 46 0.01 1.47 -21.71
CA LYS A 46 0.80 0.77 -20.70
C LYS A 46 2.10 1.50 -20.40
N ILE A 47 2.42 1.67 -19.12
CA ILE A 47 3.74 2.15 -18.74
C ILE A 47 4.74 0.99 -18.81
N PRO A 48 6.04 1.30 -18.69
CA PRO A 48 7.02 0.21 -18.74
C PRO A 48 6.82 -0.81 -17.60
N THR A 49 7.37 -2.01 -17.79
CA THR A 49 7.25 -3.05 -16.77
C THR A 49 8.03 -2.71 -15.51
N GLU A 50 7.71 -3.39 -14.41
CA GLU A 50 8.41 -3.18 -13.16
C GLU A 50 9.91 -3.37 -13.37
N ASN A 51 10.31 -4.38 -14.13
CA ASN A 51 11.74 -4.66 -14.34
C ASN A 51 12.46 -3.61 -15.21
N GLU A 52 11.74 -3.04 -16.17
CA GLU A 52 12.28 -1.97 -17.00
C GLU A 52 12.44 -0.72 -16.13
N LEU A 53 11.46 -0.48 -15.28
CA LEU A 53 11.52 0.67 -14.39
C LEU A 53 12.68 0.52 -13.38
N MET A 54 12.89 -0.69 -12.88
CA MET A 54 13.99 -0.96 -11.95
C MET A 54 15.32 -0.68 -12.63
N GLN A 55 15.43 -1.13 -13.88
CA GLN A 55 16.66 -0.91 -14.63
C GLN A 55 16.90 0.59 -14.93
N GLN A 56 15.87 1.25 -15.44
CA GLN A 56 15.96 2.66 -15.82
C GLN A 56 16.23 3.58 -14.65
N PHE A 57 15.54 3.37 -13.53
CA PHE A 57 15.75 4.22 -12.36
C PHE A 57 16.90 3.77 -11.46
N GLY A 58 17.35 2.53 -11.64
CA GLY A 58 18.41 2.01 -10.78
C GLY A 58 17.99 1.77 -9.33
N VAL A 59 16.75 1.33 -9.14
CA VAL A 59 16.24 1.06 -7.79
C VAL A 59 15.62 -0.35 -7.68
N SER A 60 15.21 -0.73 -6.48
CA SER A 60 14.66 -2.06 -6.22
C SER A 60 13.26 -2.23 -6.77
N ARG A 61 12.85 -3.48 -6.97
CA ARG A 61 11.45 -3.75 -7.30
C ARG A 61 10.51 -3.14 -6.24
N HIS A 62 10.90 -3.26 -4.96
CA HIS A 62 10.12 -2.69 -3.85
C HIS A 62 9.85 -1.21 -4.06
N THR A 63 10.90 -0.47 -4.41
CA THR A 63 10.75 0.98 -4.59
C THR A 63 9.80 1.31 -5.73
N ILE A 64 9.97 0.59 -6.84
CA ILE A 64 9.09 0.75 -7.97
C ILE A 64 7.63 0.45 -7.58
N ARG A 65 7.40 -0.63 -6.83
CA ARG A 65 6.04 -1.03 -6.46
C ARG A 65 5.41 -0.03 -5.49
N LYS A 66 6.24 0.57 -4.65
CA LYS A 66 5.75 1.62 -3.75
C LYS A 66 5.27 2.81 -4.59
N ALA A 67 6.09 3.22 -5.53
CA ALA A 67 5.72 4.36 -6.36
C ALA A 67 4.42 4.12 -7.11
N ILE A 68 4.40 2.98 -7.81
CA ILE A 68 3.25 2.62 -8.62
C ILE A 68 2.01 2.46 -7.75
N GLY A 69 2.12 1.77 -6.62
CA GLY A 69 1.00 1.61 -5.70
C GLY A 69 0.41 2.91 -5.19
N ASP A 70 1.28 3.87 -4.87
CA ASP A 70 0.82 5.21 -4.51
C ASP A 70 0.02 5.83 -5.67
N LEU A 71 0.58 5.77 -6.87
CA LEU A 71 -0.09 6.36 -8.04
C LEU A 71 -1.44 5.66 -8.39
N VAL A 72 -1.51 4.35 -8.18
CA VAL A 72 -2.76 3.62 -8.34
C VAL A 72 -3.78 4.10 -7.32
N SER A 73 -3.34 4.26 -6.07
CA SER A 73 -4.27 4.64 -5.01
C SER A 73 -4.77 6.07 -5.19
N GLN A 74 -4.01 6.91 -5.89
CA GLN A 74 -4.48 8.28 -6.15
C GLN A 74 -5.22 8.36 -7.47
N GLY A 75 -5.32 7.22 -8.15
CA GLY A 75 -6.14 7.11 -9.34
C GLY A 75 -5.50 7.46 -10.66
N LEU A 76 -4.19 7.68 -10.65
CA LEU A 76 -3.49 8.00 -11.90
C LEU A 76 -3.24 6.77 -12.76
N LEU A 77 -3.13 5.61 -12.13
CA LEU A 77 -2.81 4.37 -12.83
C LEU A 77 -3.71 3.23 -12.39
N TYR A 78 -3.82 2.18 -13.22
CA TYR A 78 -4.43 0.92 -12.76
C TYR A 78 -3.58 -0.27 -13.23
N SER A 79 -3.59 -1.35 -12.47
CA SER A 79 -2.76 -2.51 -12.81
C SER A 79 -3.61 -3.75 -13.10
N VAL A 80 -3.08 -4.62 -13.95
CA VAL A 80 -3.68 -5.92 -14.23
C VAL A 80 -2.63 -7.00 -14.05
N GLN A 81 -2.85 -7.88 -13.08
CA GLN A 81 -1.87 -8.91 -12.79
C GLN A 81 -1.57 -9.71 -14.04
N GLY A 82 -0.29 -9.81 -14.37
CA GLY A 82 0.13 -10.54 -15.54
C GLY A 82 0.02 -9.73 -16.83
N GLY A 83 -0.77 -8.65 -16.84
CA GLY A 83 -0.83 -7.74 -17.97
C GLY A 83 0.15 -6.57 -18.03
N GLY A 84 0.15 -5.78 -16.97
CA GLY A 84 0.94 -4.55 -16.93
C GLY A 84 0.26 -3.47 -16.13
N THR A 85 0.82 -2.27 -16.19
CA THR A 85 0.27 -1.13 -15.48
C THR A 85 -0.02 -0.01 -16.49
N PHE A 86 -1.17 0.65 -16.34
CA PHE A 86 -1.71 1.52 -17.37
C PHE A 86 -2.11 2.88 -16.82
N VAL A 87 -2.10 3.91 -17.67
CA VAL A 87 -2.61 5.23 -17.26
C VAL A 87 -4.14 5.22 -17.24
N ALA A 88 -4.72 5.72 -16.16
CA ALA A 88 -6.17 5.65 -15.96
C ALA A 88 -6.93 6.61 -16.87
N LEU B 8 -4.25 -12.60 20.47
CA LEU B 8 -3.98 -13.32 19.22
C LEU B 8 -5.20 -13.42 18.29
N GLU B 9 -5.06 -12.90 17.08
CA GLU B 9 -6.13 -13.02 16.10
C GLU B 9 -5.78 -14.00 15.00
N VAL B 10 -6.81 -14.64 14.47
CA VAL B 10 -6.66 -15.80 13.63
C VAL B 10 -6.78 -15.44 12.13
N LEU B 11 -6.07 -16.17 11.29
CA LEU B 11 -6.16 -15.98 9.84
C LEU B 11 -6.76 -17.19 9.16
N PHE B 12 -7.90 -16.99 8.51
CA PHE B 12 -8.66 -18.07 7.87
C PHE B 12 -7.81 -18.88 6.89
N GLN B 13 -6.79 -18.26 6.32
CA GLN B 13 -5.70 -18.97 5.61
C GLN B 13 -6.08 -20.19 4.78
N GLY B 14 -6.87 -19.97 3.74
CA GLY B 14 -7.40 -21.02 2.88
C GLY B 14 -6.80 -21.18 1.49
N PRO B 15 -5.54 -20.75 1.31
CA PRO B 15 -4.97 -20.57 -0.04
C PRO B 15 -5.68 -19.43 -0.78
N LEU B 16 -6.27 -19.72 -1.94
CA LEU B 16 -7.02 -18.68 -2.66
C LEU B 16 -8.41 -19.07 -3.17
N GLY B 17 -8.44 -19.99 -4.12
CA GLY B 17 -9.54 -20.13 -5.08
C GLY B 17 -10.97 -20.09 -4.58
N SER B 18 -11.23 -20.61 -3.38
CA SER B 18 -12.57 -20.57 -2.81
C SER B 18 -13.03 -19.13 -2.55
N GLU B 19 -14.33 -18.89 -2.69
CA GLU B 19 -14.89 -17.54 -2.57
C GLU B 19 -14.43 -16.81 -1.31
N PHE B 20 -14.20 -17.57 -0.24
CA PHE B 20 -14.05 -17.01 1.10
C PHE B 20 -12.67 -16.44 1.43
N MET B 21 -11.65 -16.85 0.69
CA MET B 21 -10.26 -16.53 1.05
C MET B 21 -9.80 -15.09 0.72
N LEU B 22 -9.11 -14.47 1.66
CA LEU B 22 -8.48 -13.17 1.45
C LEU B 22 -7.00 -13.27 1.73
N PRO B 23 -6.19 -12.43 1.06
CA PRO B 23 -4.76 -12.38 1.38
C PRO B 23 -4.60 -11.96 2.84
N LYS B 24 -3.48 -12.29 3.46
CA LYS B 24 -3.26 -11.93 4.86
C LYS B 24 -3.41 -10.42 5.13
N TYR B 25 -2.87 -9.58 4.25
CA TYR B 25 -2.93 -8.13 4.51
C TYR B 25 -4.39 -7.66 4.52
N ALA B 26 -5.23 -8.29 3.71
CA ALA B 26 -6.64 -7.90 3.67
C ALA B 26 -7.41 -8.34 4.93
N GLN B 27 -7.06 -9.50 5.47
CA GLN B 27 -7.67 -9.97 6.72
C GLN B 27 -7.24 -9.07 7.87
N VAL B 28 -5.97 -8.65 7.84
CA VAL B 28 -5.50 -7.70 8.85
C VAL B 28 -6.25 -6.37 8.75
N LYS B 29 -6.40 -5.89 7.52
CA LYS B 29 -7.14 -4.64 7.29
C LYS B 29 -8.56 -4.74 7.84
N GLU B 30 -9.19 -5.89 7.61
CA GLU B 30 -10.58 -6.08 8.03
C GLU B 30 -10.67 -6.06 9.54
N GLU B 31 -9.78 -6.78 10.20
CA GLU B 31 -9.78 -6.78 11.67
C GLU B 31 -9.57 -5.38 12.25
N ILE B 32 -8.56 -4.67 11.77
CA ILE B 32 -8.31 -3.33 12.31
C ILE B 32 -9.49 -2.38 12.03
N SER B 33 -10.01 -2.45 10.80
CA SER B 33 -11.13 -1.62 10.42
C SER B 33 -12.25 -1.93 11.39
N SER B 34 -12.33 -3.20 11.80
CA SER B 34 -13.41 -3.66 12.66
C SER B 34 -13.27 -3.03 14.03
N TRP B 35 -12.04 -2.95 14.54
CA TRP B 35 -11.80 -2.28 15.82
C TRP B 35 -12.29 -0.84 15.76
N ILE B 36 -11.92 -0.14 14.68
CA ILE B 36 -12.37 1.24 14.51
C ILE B 36 -13.90 1.34 14.45
N ASN B 37 -14.51 0.48 13.64
CA ASN B 37 -15.95 0.54 13.41
C ASN B 37 -16.77 0.22 14.65
N GLN B 38 -16.26 -0.71 15.46
CA GLN B 38 -16.95 -1.12 16.67
C GLN B 38 -16.61 -0.19 17.83
N GLY B 39 -15.82 0.83 17.54
CA GLY B 39 -15.46 1.81 18.54
C GLY B 39 -14.54 1.28 19.63
N LYS B 40 -13.86 0.18 19.37
CA LYS B 40 -12.89 -0.34 20.33
C LYS B 40 -11.65 0.58 20.41
N ILE B 41 -11.46 1.39 19.36
CA ILE B 41 -10.43 2.43 19.34
C ILE B 41 -11.08 3.73 18.87
N LEU B 42 -10.77 4.84 19.53
CA LEU B 42 -11.42 6.12 19.25
C LEU B 42 -10.47 7.13 18.62
N PRO B 43 -11.03 8.09 17.85
CA PRO B 43 -10.20 9.01 17.07
C PRO B 43 -9.08 9.62 17.89
N ASP B 44 -7.88 9.62 17.32
CA ASP B 44 -6.67 10.13 17.96
C ASP B 44 -6.10 9.19 19.03
N GLN B 45 -6.71 8.03 19.22
CA GLN B 45 -6.14 6.98 20.05
C GLN B 45 -5.17 6.11 19.25
N LYS B 46 -4.13 5.60 19.92
CA LYS B 46 -3.07 4.82 19.27
C LYS B 46 -3.51 3.37 19.10
N ILE B 47 -3.30 2.80 17.92
CA ILE B 47 -3.45 1.36 17.77
C ILE B 47 -2.15 0.72 18.27
N PRO B 48 -2.12 -0.62 18.33
CA PRO B 48 -0.88 -1.29 18.73
C PRO B 48 0.26 -1.02 17.74
N THR B 49 1.49 -1.15 18.23
CA THR B 49 2.69 -0.95 17.41
C THR B 49 2.82 -2.02 16.33
N GLU B 50 3.64 -1.75 15.32
CA GLU B 50 3.84 -2.70 14.24
C GLU B 50 4.34 -4.04 14.78
N ASN B 51 5.23 -4.01 15.76
CA ASN B 51 5.76 -5.25 16.37
C ASN B 51 4.67 -6.06 17.09
N GLU B 52 3.80 -5.35 17.79
CA GLU B 52 2.71 -6.00 18.51
C GLU B 52 1.74 -6.63 17.51
N LEU B 53 1.45 -5.91 16.42
CA LEU B 53 0.54 -6.42 15.41
C LEU B 53 1.14 -7.64 14.73
N MET B 54 2.46 -7.61 14.52
CA MET B 54 3.18 -8.74 13.95
C MET B 54 3.01 -9.97 14.82
N GLN B 55 3.20 -9.80 16.13
CA GLN B 55 3.07 -10.93 17.05
C GLN B 55 1.63 -11.44 17.14
N GLN B 56 0.69 -10.52 17.29
CA GLN B 56 -0.71 -10.86 17.54
C GLN B 56 -1.41 -11.46 16.33
N PHE B 57 -1.05 -10.99 15.14
CA PHE B 57 -1.61 -11.56 13.91
C PHE B 57 -0.75 -12.70 13.34
N GLY B 58 0.46 -12.85 13.84
CA GLY B 58 1.36 -13.87 13.34
C GLY B 58 1.83 -13.68 11.90
N VAL B 59 2.03 -12.43 11.47
CA VAL B 59 2.49 -12.14 10.11
C VAL B 59 3.71 -11.18 10.12
N SER B 60 4.28 -10.94 8.93
CA SER B 60 5.53 -10.17 8.82
C SER B 60 5.28 -8.68 9.00
N ARG B 61 6.34 -7.93 9.28
CA ARG B 61 6.20 -6.47 9.33
C ARG B 61 5.68 -5.92 8.00
N HIS B 62 6.17 -6.48 6.89
CA HIS B 62 5.71 -6.07 5.56
C HIS B 62 4.17 -6.16 5.46
N THR B 63 3.62 -7.30 5.87
CA THR B 63 2.17 -7.49 5.81
C THR B 63 1.41 -6.47 6.65
N ILE B 64 1.86 -6.25 7.88
CA ILE B 64 1.27 -5.23 8.74
C ILE B 64 1.35 -3.84 8.09
N ARG B 65 2.51 -3.51 7.52
CA ARG B 65 2.67 -2.18 6.90
C ARG B 65 1.80 -2.00 5.67
N LYS B 66 1.60 -3.08 4.92
CA LYS B 66 0.68 -3.05 3.79
C LYS B 66 -0.75 -2.76 4.25
N ALA B 67 -1.21 -3.52 5.25
CA ALA B 67 -2.56 -3.26 5.78
C ALA B 67 -2.71 -1.83 6.29
N ILE B 68 -1.79 -1.42 7.14
CA ILE B 68 -1.86 -0.10 7.71
C ILE B 68 -1.78 1.00 6.65
N GLY B 69 -0.90 0.84 5.66
CA GLY B 69 -0.75 1.81 4.59
C GLY B 69 -2.03 1.97 3.79
N ASP B 70 -2.68 0.84 3.50
CA ASP B 70 -3.96 0.89 2.82
C ASP B 70 -4.94 1.71 3.67
N LEU B 71 -5.03 1.37 4.96
CA LEU B 71 -5.96 2.07 5.85
C LEU B 71 -5.67 3.57 5.97
N VAL B 72 -4.40 3.96 5.93
CA VAL B 72 -4.03 5.37 5.97
C VAL B 72 -4.51 6.05 4.69
N SER B 73 -4.21 5.45 3.55
CA SER B 73 -4.62 6.07 2.29
C SER B 73 -6.14 6.13 2.18
N GLN B 74 -6.83 5.31 2.98
CA GLN B 74 -8.29 5.35 3.01
C GLN B 74 -8.84 6.47 3.88
N GLY B 75 -8.02 6.97 4.79
CA GLY B 75 -8.45 8.01 5.71
C GLY B 75 -8.83 7.49 7.09
N LEU B 76 -8.74 6.17 7.28
CA LEU B 76 -9.09 5.58 8.57
C LEU B 76 -8.05 5.81 9.66
N LEU B 77 -6.78 5.86 9.27
CA LEU B 77 -5.69 6.00 10.24
C LEU B 77 -4.73 7.10 9.84
N TYR B 78 -3.87 7.49 10.77
CA TYR B 78 -2.72 8.32 10.42
C TYR B 78 -1.52 7.95 11.27
N SER B 79 -0.32 8.16 10.74
CA SER B 79 0.89 7.70 11.40
C SER B 79 1.83 8.85 11.70
N VAL B 80 2.57 8.72 12.80
CA VAL B 80 3.63 9.67 13.14
C VAL B 80 4.93 8.91 13.34
N GLN B 81 5.93 9.22 12.52
CA GLN B 81 7.19 8.51 12.60
C GLN B 81 7.76 8.61 14.01
N GLY B 82 8.06 7.45 14.60
CA GLY B 82 8.60 7.39 15.94
C GLY B 82 7.52 7.50 17.02
N GLY B 83 6.37 8.06 16.68
CA GLY B 83 5.26 8.11 17.65
C GLY B 83 4.33 6.92 17.71
N GLY B 84 3.79 6.54 16.56
CA GLY B 84 2.78 5.50 16.50
C GLY B 84 1.73 5.69 15.40
N THR B 85 0.68 4.88 15.44
CA THR B 85 -0.39 4.96 14.46
C THR B 85 -1.73 5.11 15.20
N PHE B 86 -2.58 6.02 14.70
CA PHE B 86 -3.78 6.45 15.42
C PHE B 86 -5.04 6.39 14.53
N VAL B 87 -6.19 6.12 15.14
CA VAL B 87 -7.45 6.23 14.39
C VAL B 87 -7.71 7.70 14.05
N ALA B 88 -8.07 7.95 12.79
CA ALA B 88 -8.25 9.32 12.32
C ALA B 88 -9.49 10.00 12.92
#